data_4UXW
#
_entry.id   4UXW
#
_cell.length_a   72.800
_cell.length_b   72.800
_cell.length_c   199.320
_cell.angle_alpha   90.00
_cell.angle_beta   90.00
_cell.angle_gamma   120.00
#
_symmetry.space_group_name_H-M   'P 31 2 1'
#
loop_
_entity.id
_entity.type
_entity.pdbx_description
1 polymer 'DIACYLGLYCEROL KINASE'
2 non-polymer '(2R)-2,3-dihydroxypropyl (9Z)-octadec-9-enoate'
3 non-polymer (4S)-2-METHYL-2,4-PENTANEDIOL
4 non-polymer 'NITRATE ION'
5 non-polymer 'SODIUM ION'
#
_entity_poly.entity_id   1
_entity_poly.type   'polypeptide(L)'
_entity_poly.pdbx_seq_one_letter_code
;GHHHHHHELANNTTGFTRIIKAAGYSWKGLRAAWINEAAFRQEGVAVLLAVVIACWLDVDACTRVLLISSVMLVMIVELL
NSAIEAVVDRIGSEYHELSGRAKDLGSAAVLIAIIDAVITWCILLWSHFG
;
_entity_poly.pdbx_strand_id   A,B,C
#
loop_
_chem_comp.id
_chem_comp.type
_chem_comp.name
_chem_comp.formula
MPD non-polymer (4S)-2-METHYL-2,4-PENTANEDIOL 'C6 H14 O2'
NA non-polymer 'SODIUM ION' 'Na 1'
NO3 non-polymer 'NITRATE ION' 'N O3 -1'
OLC non-polymer '(2R)-2,3-dihydroxypropyl (9Z)-octadec-9-enoate' 'C21 H40 O4'
#
# COMPACT_ATOMS: atom_id res chain seq x y z
N PHE A 16 -0.39 25.37 9.46
CA PHE A 16 0.86 24.87 8.88
C PHE A 16 1.76 24.24 9.95
N THR A 17 1.36 24.36 11.20
CA THR A 17 2.18 23.88 12.31
C THR A 17 2.38 22.37 12.34
N ARG A 18 1.31 21.61 12.07
CA ARG A 18 1.38 20.15 12.13
C ARG A 18 2.23 19.53 11.02
N ILE A 19 2.22 20.16 9.85
CA ILE A 19 2.87 19.65 8.65
C ILE A 19 4.38 19.49 8.79
N ILE A 20 5.00 20.47 9.42
CA ILE A 20 6.42 20.39 9.68
C ILE A 20 6.72 19.30 10.70
N LYS A 21 5.84 19.12 11.68
CA LYS A 21 6.06 18.09 12.70
C LYS A 21 6.01 16.74 12.02
N ALA A 22 5.01 16.58 11.17
CA ALA A 22 4.84 15.34 10.43
C ALA A 22 5.99 15.06 9.48
N ALA A 23 6.44 16.08 8.77
CA ALA A 23 7.51 15.90 7.79
C ALA A 23 8.83 15.60 8.46
N GLY A 24 9.03 16.16 9.64
CA GLY A 24 10.18 15.84 10.45
C GLY A 24 10.15 14.36 10.73
N TYR A 25 9.03 13.91 11.30
CA TYR A 25 8.76 12.50 11.56
C TYR A 25 9.10 11.65 10.32
N SER A 26 8.49 12.00 9.20
CA SER A 26 8.75 11.32 7.95
C SER A 26 10.25 11.26 7.62
N TRP A 27 10.93 12.38 7.74
CA TRP A 27 12.36 12.44 7.43
C TRP A 27 13.17 11.60 8.39
N LYS A 28 12.80 11.71 9.68
CA LYS A 28 13.43 10.94 10.75
C LYS A 28 13.24 9.48 10.45
N GLY A 29 12.05 9.14 9.99
CA GLY A 29 11.74 7.77 9.67
C GLY A 29 12.58 7.28 8.52
N LEU A 30 12.69 8.10 7.47
CA LEU A 30 13.44 7.75 6.27
C LEU A 30 14.93 7.63 6.55
N ARG A 31 15.48 8.63 7.23
CA ARG A 31 16.90 8.63 7.56
C ARG A 31 17.25 7.37 8.36
N ALA A 32 16.32 6.99 9.23
CA ALA A 32 16.41 5.80 10.05
C ALA A 32 16.43 4.51 9.23
N ALA A 33 15.54 4.42 8.27
CA ALA A 33 15.48 3.23 7.41
C ALA A 33 16.79 3.12 6.66
N TRP A 34 17.28 4.23 6.15
CA TRP A 34 18.50 4.22 5.35
C TRP A 34 19.71 3.75 6.12
N ILE A 35 19.89 4.26 7.32
CA ILE A 35 21.01 3.81 8.13
C ILE A 35 20.89 2.31 8.38
N ASN A 36 19.69 1.90 8.74
CA ASN A 36 19.47 0.58 9.30
C ASN A 36 19.08 -0.54 8.35
N GLU A 37 18.24 -0.27 7.37
CA GLU A 37 17.86 -1.34 6.48
C GLU A 37 18.72 -1.32 5.22
N ALA A 38 19.41 -2.42 4.96
CA ALA A 38 20.27 -2.54 3.78
C ALA A 38 19.41 -2.61 2.52
N ALA A 39 18.30 -3.34 2.63
CA ALA A 39 17.38 -3.49 1.51
C ALA A 39 16.79 -2.16 1.10
N PHE A 40 16.56 -1.26 2.07
CA PHE A 40 15.99 0.05 1.74
C PHE A 40 16.95 0.91 0.90
N ARG A 41 18.24 0.83 1.25
CA ARG A 41 19.31 1.50 0.51
C ARG A 41 19.32 0.98 -0.95
N GLN A 42 19.08 -0.32 -1.10
CA GLN A 42 19.00 -0.92 -2.42
C GLN A 42 17.79 -0.42 -3.17
N GLU A 43 16.65 -0.33 -2.48
CA GLU A 43 15.42 0.11 -3.11
C GLU A 43 15.48 1.59 -3.42
N GLY A 44 16.09 2.35 -2.52
CA GLY A 44 16.29 3.76 -2.76
C GLY A 44 17.09 3.95 -4.04
N VAL A 45 18.10 3.11 -4.20
CA VAL A 45 18.89 3.06 -5.43
C VAL A 45 17.99 2.74 -6.66
N ALA A 46 17.15 1.71 -6.51
CA ALA A 46 16.25 1.27 -7.55
C ALA A 46 15.30 2.37 -7.99
N VAL A 47 14.91 3.25 -7.06
CA VAL A 47 14.04 4.35 -7.45
C VAL A 47 14.78 5.37 -8.34
N LEU A 48 16.02 5.68 -7.99
CA LEU A 48 16.77 6.62 -8.80
C LEU A 48 16.99 6.13 -10.21
N LEU A 49 17.37 4.87 -10.35
CA LEU A 49 17.52 4.27 -11.66
C LEU A 49 16.20 4.25 -12.40
N ALA A 50 15.15 3.80 -11.71
CA ALA A 50 13.83 3.72 -12.32
C ALA A 50 13.49 5.09 -12.88
N VAL A 51 13.73 6.13 -12.10
CA VAL A 51 13.53 7.49 -12.58
C VAL A 51 14.39 7.81 -13.81
N VAL A 52 15.69 7.56 -13.70
CA VAL A 52 16.62 7.89 -14.76
C VAL A 52 16.34 7.10 -16.04
N ILE A 53 16.24 5.79 -15.88
CA ILE A 53 15.98 4.91 -17.01
C ILE A 53 14.67 5.28 -17.70
N ALA A 54 13.64 5.55 -16.90
CA ALA A 54 12.33 5.93 -17.45
C ALA A 54 12.41 7.26 -18.18
N CYS A 55 13.25 8.16 -17.67
CA CYS A 55 13.36 9.49 -18.24
C CYS A 55 14.28 9.53 -19.44
N TRP A 56 15.27 8.65 -19.48
CA TRP A 56 16.24 8.68 -20.57
C TRP A 56 15.71 7.90 -21.78
N LEU A 57 14.85 6.92 -21.51
CA LEU A 57 14.21 6.14 -22.55
C LEU A 57 13.11 6.96 -23.19
N ASP A 58 12.91 6.83 -24.48
CA ASP A 58 11.82 7.57 -25.12
C ASP A 58 10.52 6.77 -25.02
N VAL A 59 9.79 6.96 -23.93
CA VAL A 59 8.54 6.25 -23.67
C VAL A 59 7.37 7.21 -23.40
N ASP A 60 6.16 6.68 -23.28
CA ASP A 60 5.04 7.52 -22.86
C ASP A 60 4.94 7.70 -21.34
N ALA A 61 4.06 8.62 -20.95
CA ALA A 61 3.87 8.98 -19.57
C ALA A 61 3.26 7.83 -18.78
N CYS A 62 2.27 7.20 -19.37
CA CYS A 62 1.63 6.06 -18.73
C CYS A 62 2.68 4.98 -18.44
N THR A 63 3.64 4.81 -19.34
CA THR A 63 4.78 3.91 -19.11
C THR A 63 5.74 4.48 -18.06
N ARG A 64 6.03 5.77 -18.21
CA ARG A 64 6.98 6.47 -17.36
C ARG A 64 6.50 6.48 -15.91
N VAL A 65 5.20 6.66 -15.73
CA VAL A 65 4.65 6.69 -14.39
C VAL A 65 4.80 5.34 -13.74
N LEU A 66 4.31 4.32 -14.42
CA LEU A 66 4.37 2.92 -13.98
C LEU A 66 5.77 2.34 -13.78
N LEU A 67 6.75 2.74 -14.60
CA LEU A 67 8.10 2.27 -14.35
C LEU A 67 8.57 2.86 -13.02
N ILE A 68 8.19 4.11 -12.77
CA ILE A 68 8.57 4.81 -11.54
C ILE A 68 7.73 4.36 -10.34
N SER A 69 6.41 4.36 -10.52
CA SER A 69 5.46 4.09 -9.46
C SER A 69 5.45 2.69 -8.87
N SER A 70 5.71 1.69 -9.70
CA SER A 70 5.76 0.31 -9.22
C SER A 70 6.90 0.13 -8.24
N VAL A 71 8.03 0.71 -8.58
CA VAL A 71 9.23 0.68 -7.77
C VAL A 71 9.06 1.55 -6.51
N MET A 72 8.37 2.67 -6.65
CA MET A 72 8.09 3.50 -5.51
C MET A 72 7.25 2.71 -4.52
N LEU A 73 6.42 1.82 -5.04
CA LEU A 73 5.52 1.04 -4.17
C LEU A 73 6.32 0.08 -3.33
N VAL A 74 7.37 -0.48 -3.91
CA VAL A 74 8.25 -1.35 -3.15
C VAL A 74 8.70 -0.65 -1.88
N MET A 75 9.15 0.59 -2.03
CA MET A 75 9.60 1.43 -0.90
C MET A 75 8.55 1.73 0.17
N ILE A 76 7.32 1.91 -0.28
CA ILE A 76 6.23 2.19 0.62
C ILE A 76 6.00 0.99 1.50
N VAL A 77 5.99 -0.17 0.87
CA VAL A 77 5.80 -1.45 1.55
C VAL A 77 6.96 -1.89 2.46
N GLU A 78 8.22 -1.72 2.02
CA GLU A 78 9.35 -1.99 2.90
C GLU A 78 9.28 -1.06 4.10
N LEU A 79 8.75 0.15 3.87
CA LEU A 79 8.55 1.10 4.98
C LEU A 79 7.46 0.67 5.96
N LEU A 80 6.34 0.14 5.48
CA LEU A 80 5.35 -0.35 6.43
C LEU A 80 5.83 -1.61 7.14
N ASN A 81 6.43 -2.52 6.37
CA ASN A 81 7.02 -3.74 6.91
C ASN A 81 8.01 -3.39 8.03
N SER A 82 8.84 -2.38 7.78
CA SER A 82 9.83 -1.96 8.78
C SER A 82 9.23 -1.37 10.06
N ALA A 83 8.06 -0.74 9.89
CA ALA A 83 7.31 -0.19 11.01
C ALA A 83 6.79 -1.36 11.81
N ILE A 84 6.13 -2.28 11.13
CA ILE A 84 5.57 -3.48 11.74
C ILE A 84 6.66 -4.29 12.45
N GLU A 85 7.80 -4.52 11.78
CA GLU A 85 8.92 -5.21 12.41
C GLU A 85 9.39 -4.51 13.68
N ALA A 86 9.30 -3.19 13.68
CA ALA A 86 9.71 -2.39 14.84
C ALA A 86 8.80 -2.58 16.05
N VAL A 87 7.54 -2.88 15.79
CA VAL A 87 6.57 -3.12 16.85
C VAL A 87 6.76 -4.48 17.49
N VAL A 88 6.91 -5.47 16.63
CA VAL A 88 7.21 -6.82 17.02
C VAL A 88 8.40 -6.84 17.93
N ASP A 89 9.41 -6.05 17.61
CA ASP A 89 10.63 -6.02 18.40
C ASP A 89 10.45 -5.37 19.77
N ARG A 90 9.52 -4.43 19.88
CA ARG A 90 9.28 -3.78 21.16
C ARG A 90 8.71 -4.78 22.15
N ILE A 91 7.83 -5.62 21.64
CA ILE A 91 7.27 -6.75 22.35
C ILE A 91 8.30 -7.86 22.62
N GLY A 92 9.23 -8.04 21.69
CA GLY A 92 10.27 -9.04 21.85
C GLY A 92 11.02 -8.86 23.16
N SER A 93 11.34 -7.60 23.47
CA SER A 93 12.08 -7.25 24.68
C SER A 93 11.31 -7.57 25.97
N GLU A 94 9.97 -7.48 25.93
CA GLU A 94 9.17 -7.70 27.16
C GLU A 94 8.48 -9.08 27.35
N TYR A 95 7.77 -9.56 26.33
CA TYR A 95 7.23 -10.91 26.35
C TYR A 95 8.28 -12.04 26.38
N HIS A 96 9.37 -11.87 25.64
CA HIS A 96 10.35 -12.92 25.36
C HIS A 96 9.76 -14.13 24.60
N GLU A 97 8.79 -13.86 23.73
CA GLU A 97 8.18 -14.87 22.88
C GLU A 97 8.71 -14.72 21.45
N LEU A 98 8.97 -15.82 20.74
CA LEU A 98 9.58 -15.73 19.41
C LEU A 98 8.62 -15.67 18.21
N SER A 99 7.32 -15.65 18.48
CA SER A 99 6.44 -15.89 17.40
C SER A 99 6.87 -14.86 16.41
N GLY A 100 7.19 -15.33 15.22
CA GLY A 100 7.42 -14.43 14.08
C GLY A 100 6.40 -14.38 12.96
N ARG A 101 5.13 -14.61 13.28
CA ARG A 101 4.08 -14.63 12.26
C ARG A 101 3.90 -13.29 11.53
N ALA A 102 3.94 -12.19 12.27
CA ALA A 102 3.77 -10.85 11.71
C ALA A 102 4.90 -10.48 10.75
N LYS A 103 6.14 -10.71 11.16
CA LYS A 103 7.28 -10.37 10.32
C LYS A 103 7.27 -11.17 9.02
N ASP A 104 6.77 -12.41 9.08
CA ASP A 104 6.66 -13.21 7.86
C ASP A 104 5.65 -12.59 6.89
N LEU A 105 4.44 -12.34 7.36
CA LEU A 105 3.39 -11.71 6.57
C LEU A 105 3.82 -10.35 6.00
N GLY A 106 4.52 -9.53 6.78
CA GLY A 106 5.05 -8.29 6.25
C GLY A 106 6.00 -8.52 5.09
N SER A 107 6.84 -9.55 5.21
CA SER A 107 7.77 -9.89 4.13
C SER A 107 7.09 -10.49 2.92
N ALA A 108 5.98 -11.17 3.14
CA ALA A 108 5.22 -11.66 2.02
C ALA A 108 4.75 -10.44 1.20
N ALA A 109 4.21 -9.44 1.88
CA ALA A 109 3.72 -8.24 1.25
C ALA A 109 4.80 -7.58 0.41
N VAL A 110 6.00 -7.43 0.98
CA VAL A 110 7.10 -6.78 0.24
C VAL A 110 7.47 -7.57 -1.03
N LEU A 111 7.43 -8.90 -0.95
CA LEU A 111 7.76 -9.73 -2.09
C LEU A 111 6.76 -9.52 -3.23
N ILE A 112 5.48 -9.57 -2.91
CA ILE A 112 4.46 -9.33 -3.92
C ILE A 112 4.64 -7.95 -4.58
N ALA A 113 5.06 -6.96 -3.79
CA ALA A 113 5.37 -5.63 -4.30
C ALA A 113 6.50 -5.67 -5.32
N ILE A 114 7.56 -6.40 -4.99
CA ILE A 114 8.68 -6.55 -5.91
C ILE A 114 8.30 -7.30 -7.20
N ILE A 115 7.66 -8.43 -7.04
CA ILE A 115 7.18 -9.17 -8.19
C ILE A 115 6.38 -8.28 -9.12
N ASP A 116 5.50 -7.49 -8.53
CA ASP A 116 4.63 -6.57 -9.24
C ASP A 116 5.48 -5.64 -10.09
N ALA A 117 6.50 -5.05 -9.47
CA ALA A 117 7.41 -4.19 -10.22
C ALA A 117 8.14 -4.93 -11.38
N VAL A 118 8.58 -6.16 -11.13
CA VAL A 118 9.26 -6.92 -12.16
C VAL A 118 8.37 -7.15 -13.38
N ILE A 119 7.14 -7.57 -13.10
CA ILE A 119 6.17 -7.82 -14.13
C ILE A 119 5.90 -6.55 -14.93
N THR A 120 5.64 -5.46 -14.21
CA THR A 120 5.42 -4.14 -14.79
C THR A 120 6.50 -3.83 -15.80
N TRP A 121 7.75 -3.89 -15.32
CA TRP A 121 8.95 -3.61 -16.09
C TRP A 121 9.13 -4.50 -17.29
N CYS A 122 8.90 -5.80 -17.10
CA CYS A 122 8.97 -6.70 -18.23
C CYS A 122 7.93 -6.30 -19.23
N ILE A 123 6.67 -6.39 -18.85
CA ILE A 123 5.57 -6.05 -19.74
C ILE A 123 5.70 -4.70 -20.45
N LEU A 124 6.04 -3.64 -19.73
CA LEU A 124 6.22 -2.30 -20.31
C LEU A 124 7.42 -2.19 -21.24
N LEU A 125 8.55 -2.76 -20.85
CA LEU A 125 9.73 -2.66 -21.69
C LEU A 125 9.61 -3.62 -22.86
N TRP A 126 9.03 -4.80 -22.62
CA TRP A 126 8.80 -5.75 -23.69
C TRP A 126 7.91 -5.14 -24.77
N SER A 127 6.93 -4.33 -24.36
CA SER A 127 6.09 -3.66 -25.32
C SER A 127 6.92 -2.63 -26.03
N HIS A 128 7.59 -1.78 -25.25
CA HIS A 128 8.39 -0.69 -25.78
C HIS A 128 9.47 -1.08 -26.75
N PHE A 129 10.05 -2.26 -26.57
CA PHE A 129 11.10 -2.75 -27.46
C PHE A 129 10.61 -3.89 -28.33
N GLY A 130 11.18 -4.98 -28.27
N THR B 14 -16.37 -21.78 0.24
CA THR B 14 -16.01 -21.00 1.42
C THR B 14 -17.23 -20.32 2.05
N GLY B 15 -17.01 -19.55 3.10
CA GLY B 15 -18.08 -18.84 3.79
C GLY B 15 -18.22 -17.41 3.32
N PHE B 16 -19.25 -17.16 2.52
CA PHE B 16 -19.40 -15.87 1.84
C PHE B 16 -20.34 -14.93 2.60
N THR B 17 -20.98 -15.48 3.62
CA THR B 17 -21.85 -14.70 4.49
C THR B 17 -20.96 -13.71 5.24
N ARG B 18 -19.74 -14.17 5.51
CA ARG B 18 -18.72 -13.44 6.26
C ARG B 18 -18.30 -12.13 5.58
N ILE B 19 -18.45 -12.03 4.26
CA ILE B 19 -18.00 -10.84 3.51
C ILE B 19 -18.66 -9.55 4.03
N ILE B 20 -19.93 -9.64 4.43
CA ILE B 20 -20.59 -8.47 5.01
C ILE B 20 -19.98 -8.12 6.39
N LYS B 21 -19.56 -9.13 7.15
CA LYS B 21 -18.96 -8.94 8.48
C LYS B 21 -17.65 -8.15 8.42
N ALA B 22 -16.80 -8.54 7.46
CA ALA B 22 -15.53 -7.86 7.18
C ALA B 22 -15.80 -6.44 6.67
N ALA B 23 -16.85 -6.31 5.87
CA ALA B 23 -17.22 -5.04 5.29
C ALA B 23 -17.72 -4.13 6.41
N GLY B 24 -18.31 -4.72 7.44
CA GLY B 24 -18.68 -3.90 8.58
C GLY B 24 -17.42 -3.30 9.18
N TYR B 25 -16.51 -4.16 9.63
CA TYR B 25 -15.22 -3.77 10.21
C TYR B 25 -14.55 -2.64 9.42
N SER B 26 -14.44 -2.84 8.12
CA SER B 26 -13.86 -1.84 7.24
C SER B 26 -14.53 -0.48 7.37
N TRP B 27 -15.86 -0.46 7.34
CA TRP B 27 -16.61 0.79 7.41
C TRP B 27 -16.34 1.44 8.75
N LYS B 28 -16.28 0.59 9.77
CA LYS B 28 -15.98 1.00 11.13
C LYS B 28 -14.61 1.66 11.10
N GLY B 29 -13.68 1.06 10.36
CA GLY B 29 -12.32 1.57 10.26
C GLY B 29 -12.22 2.93 9.61
N LEU B 30 -12.98 3.16 8.54
CA LEU B 30 -13.01 4.44 7.86
C LEU B 30 -13.63 5.52 8.72
N ARG B 31 -14.76 5.19 9.33
CA ARG B 31 -15.40 6.12 10.25
C ARG B 31 -14.42 6.44 11.34
N ALA B 32 -13.66 5.42 11.76
CA ALA B 32 -12.67 5.57 12.83
C ALA B 32 -11.59 6.54 12.43
N ALA B 33 -11.02 6.34 11.25
CA ALA B 33 -9.94 7.18 10.81
C ALA B 33 -10.42 8.63 10.68
N TRP B 34 -11.59 8.82 10.09
CA TRP B 34 -12.10 10.16 9.83
C TRP B 34 -12.35 10.92 11.14
N ILE B 35 -12.97 10.28 12.11
CA ILE B 35 -13.16 10.90 13.41
C ILE B 35 -11.85 11.25 14.14
N ASN B 36 -10.91 10.31 14.18
CA ASN B 36 -9.72 10.46 15.01
C ASN B 36 -8.47 11.05 14.36
N GLU B 37 -8.19 10.65 13.12
CA GLU B 37 -7.00 11.16 12.48
C GLU B 37 -7.39 12.37 11.66
N ALA B 38 -6.77 13.50 11.97
CA ALA B 38 -7.03 14.74 11.23
C ALA B 38 -6.37 14.66 9.86
N ALA B 39 -5.17 14.10 9.82
CA ALA B 39 -4.42 13.94 8.59
C ALA B 39 -5.19 13.08 7.60
N PHE B 40 -5.97 12.13 8.11
CA PHE B 40 -6.79 11.31 7.24
C PHE B 40 -7.87 12.17 6.60
N ARG B 41 -8.46 13.06 7.39
CA ARG B 41 -9.45 13.97 6.85
C ARG B 41 -8.90 14.90 5.78
N GLN B 42 -7.72 15.47 6.03
CA GLN B 42 -7.12 16.40 5.10
C GLN B 42 -6.65 15.79 3.80
N GLU B 43 -6.03 14.64 3.90
CA GLU B 43 -5.58 14.01 2.71
C GLU B 43 -6.82 13.54 1.94
N GLY B 44 -7.81 13.05 2.67
CA GLY B 44 -9.06 12.61 2.07
C GLY B 44 -9.77 13.68 1.26
N VAL B 45 -9.75 14.89 1.79
CA VAL B 45 -10.21 16.07 1.07
C VAL B 45 -9.40 16.27 -0.23
N ALA B 46 -8.08 16.31 -0.11
CA ALA B 46 -7.18 16.47 -1.24
C ALA B 46 -7.34 15.33 -2.23
N VAL B 47 -7.54 14.13 -1.71
CA VAL B 47 -7.74 12.93 -2.53
C VAL B 47 -9.09 12.89 -3.24
N LEU B 48 -10.14 13.23 -2.50
CA LEU B 48 -11.47 13.21 -3.08
C LEU B 48 -11.61 14.29 -4.18
N LEU B 49 -11.02 15.46 -3.92
CA LEU B 49 -10.94 16.50 -4.91
C LEU B 49 -10.21 15.97 -6.15
N ALA B 50 -9.03 15.39 -5.92
CA ALA B 50 -8.21 14.89 -7.00
C ALA B 50 -8.95 13.85 -7.86
N VAL B 51 -9.63 12.91 -7.21
CA VAL B 51 -10.41 11.89 -7.91
C VAL B 51 -11.47 12.49 -8.79
N VAL B 52 -12.19 13.45 -8.23
CA VAL B 52 -13.27 14.11 -8.96
C VAL B 52 -12.70 14.76 -10.24
N ILE B 53 -11.65 15.54 -10.09
CA ILE B 53 -10.97 16.15 -11.24
C ILE B 53 -10.56 15.09 -12.26
N ALA B 54 -10.14 13.94 -11.78
CA ALA B 54 -9.73 12.89 -12.69
C ALA B 54 -10.89 12.45 -13.60
N CYS B 55 -12.12 12.53 -13.12
CA CYS B 55 -13.26 12.06 -13.89
C CYS B 55 -13.73 13.06 -14.93
N TRP B 56 -13.46 14.33 -14.69
CA TRP B 56 -13.87 15.39 -15.59
C TRP B 56 -12.85 15.74 -16.67
N LEU B 57 -11.60 15.37 -16.44
CA LEU B 57 -10.54 15.59 -17.42
C LEU B 57 -10.69 14.69 -18.61
N ASP B 58 -10.39 15.26 -19.77
CA ASP B 58 -10.40 14.53 -21.02
C ASP B 58 -9.03 13.92 -21.28
N VAL B 59 -8.83 12.74 -20.71
CA VAL B 59 -7.59 11.99 -20.82
C VAL B 59 -7.94 10.59 -21.28
N ASP B 60 -6.94 9.75 -21.54
CA ASP B 60 -7.26 8.37 -21.85
C ASP B 60 -7.47 7.57 -20.59
N ALA B 61 -7.95 6.34 -20.74
CA ALA B 61 -8.26 5.50 -19.60
C ALA B 61 -7.00 5.15 -18.81
N CYS B 62 -5.92 4.77 -19.50
CA CYS B 62 -4.65 4.50 -18.81
C CYS B 62 -4.16 5.71 -18.03
N THR B 63 -4.39 6.91 -18.56
CA THR B 63 -4.06 8.12 -17.80
C THR B 63 -4.98 8.34 -16.58
N ARG B 64 -6.29 8.17 -16.80
CA ARG B 64 -7.29 8.42 -15.77
C ARG B 64 -7.14 7.49 -14.57
N VAL B 65 -6.87 6.22 -14.84
CA VAL B 65 -6.70 5.25 -13.77
C VAL B 65 -5.49 5.63 -12.92
N LEU B 66 -4.38 5.92 -13.57
CA LEU B 66 -3.17 6.33 -12.87
C LEU B 66 -3.38 7.60 -12.05
N LEU B 67 -4.20 8.51 -12.52
CA LEU B 67 -4.45 9.71 -11.73
C LEU B 67 -5.23 9.38 -10.46
N ILE B 68 -6.19 8.46 -10.59
CA ILE B 68 -7.02 8.10 -9.45
C ILE B 68 -6.29 7.22 -8.47
N SER B 69 -5.71 6.15 -8.97
CA SER B 69 -5.12 5.16 -8.09
C SER B 69 -3.90 5.68 -7.33
N SER B 70 -3.15 6.60 -7.93
CA SER B 70 -1.95 7.13 -7.26
C SER B 70 -2.36 7.83 -5.98
N VAL B 71 -3.43 8.60 -6.10
CA VAL B 71 -4.04 9.32 -5.02
C VAL B 71 -4.78 8.39 -4.01
N MET B 72 -5.44 7.37 -4.52
CA MET B 72 -6.07 6.39 -3.66
C MET B 72 -5.06 5.67 -2.78
N LEU B 73 -3.82 5.51 -3.27
CA LEU B 73 -2.80 4.75 -2.53
C LEU B 73 -2.43 5.54 -1.31
N VAL B 74 -2.42 6.88 -1.46
CA VAL B 74 -2.16 7.77 -0.33
C VAL B 74 -3.14 7.42 0.76
N MET B 75 -4.41 7.24 0.41
CA MET B 75 -5.41 6.85 1.40
C MET B 75 -5.19 5.48 2.01
N ILE B 76 -4.80 4.54 1.16
CA ILE B 76 -4.53 3.19 1.59
C ILE B 76 -3.32 3.15 2.53
N VAL B 77 -2.28 3.89 2.18
CA VAL B 77 -1.08 3.92 3.01
C VAL B 77 -1.32 4.59 4.35
N GLU B 78 -2.04 5.71 4.34
CA GLU B 78 -2.35 6.41 5.58
C GLU B 78 -3.22 5.57 6.52
N LEU B 79 -4.11 4.78 5.95
CA LEU B 79 -4.93 3.86 6.73
C LEU B 79 -4.10 2.76 7.42
N LEU B 80 -3.07 2.26 6.76
CA LEU B 80 -2.21 1.28 7.40
C LEU B 80 -1.37 1.95 8.50
N ASN B 81 -0.85 3.14 8.22
CA ASN B 81 -0.15 3.94 9.23
C ASN B 81 -1.05 4.13 10.45
N SER B 82 -2.32 4.41 10.21
CA SER B 82 -3.26 4.59 11.30
C SER B 82 -3.52 3.31 12.11
N ALA B 83 -3.45 2.16 11.45
CA ALA B 83 -3.60 0.88 12.10
C ALA B 83 -2.38 0.68 12.95
N ILE B 84 -1.23 0.91 12.32
CA ILE B 84 0.05 0.77 13.00
C ILE B 84 0.18 1.61 14.26
N GLU B 85 -0.14 2.89 14.14
CA GLU B 85 -0.08 3.77 15.28
C GLU B 85 -0.99 3.34 16.40
N ALA B 86 -2.13 2.74 16.04
CA ALA B 86 -3.12 2.24 17.00
C ALA B 86 -2.56 1.10 17.81
N VAL B 87 -1.63 0.36 17.22
CA VAL B 87 -0.97 -0.73 17.91
C VAL B 87 0.08 -0.17 18.86
N VAL B 88 0.84 0.80 18.37
CA VAL B 88 1.80 1.53 19.22
C VAL B 88 1.11 2.16 20.44
N ASP B 89 -0.10 2.68 20.24
CA ASP B 89 -0.86 3.28 21.34
C ASP B 89 -1.28 2.21 22.36
N ARG B 90 -1.60 1.02 21.87
CA ARG B 90 -1.99 -0.12 22.70
C ARG B 90 -0.83 -0.63 23.57
N ILE B 91 0.36 -0.62 22.99
CA ILE B 91 1.58 -0.88 23.72
C ILE B 91 1.91 0.22 24.72
N GLY B 92 1.57 1.46 24.35
CA GLY B 92 1.82 2.59 25.21
C GLY B 92 1.24 2.42 26.61
N SER B 93 0.08 1.76 26.69
CA SER B 93 -0.58 1.56 27.98
C SER B 93 0.21 0.62 28.85
N GLU B 94 0.73 -0.43 28.26
CA GLU B 94 1.46 -1.43 29.01
C GLU B 94 2.85 -0.99 29.37
N TYR B 95 3.58 -0.54 28.36
CA TYR B 95 4.96 -0.14 28.57
C TYR B 95 5.08 1.33 28.82
N HIS B 96 6.26 1.79 29.18
CA HIS B 96 6.40 3.20 29.55
C HIS B 96 7.04 4.06 28.45
N GLU B 97 8.24 3.70 28.00
CA GLU B 97 8.91 4.51 26.98
C GLU B 97 8.77 4.03 25.54
N LEU B 98 8.34 4.93 24.67
CA LEU B 98 8.21 4.67 23.24
C LEU B 98 9.35 5.31 22.47
N SER B 99 9.89 4.59 21.50
CA SER B 99 10.94 5.16 20.67
C SER B 99 10.38 6.07 19.62
N GLY B 100 9.18 5.73 19.16
CA GLY B 100 8.55 6.49 18.10
C GLY B 100 9.04 5.94 16.78
N ARG B 101 9.95 4.97 16.84
CA ARG B 101 10.54 4.48 15.60
C ARG B 101 9.56 3.87 14.61
N ALA B 102 8.60 3.08 15.08
CA ALA B 102 7.61 2.47 14.20
C ALA B 102 6.71 3.52 13.57
N LYS B 103 6.23 4.43 14.42
CA LYS B 103 5.32 5.47 14.00
C LYS B 103 5.98 6.39 12.99
N ASP B 104 7.30 6.56 13.14
CA ASP B 104 8.12 7.36 12.21
C ASP B 104 8.17 6.75 10.81
N LEU B 105 8.48 5.46 10.76
CA LEU B 105 8.49 4.71 9.51
C LEU B 105 7.14 4.77 8.82
N GLY B 106 6.09 4.62 9.59
CA GLY B 106 4.75 4.78 9.05
C GLY B 106 4.55 6.14 8.46
N SER B 107 5.08 7.18 9.08
CA SER B 107 4.95 8.52 8.53
C SER B 107 5.76 8.65 7.25
N ALA B 108 6.88 7.95 7.20
CA ALA B 108 7.69 7.93 6.00
C ALA B 108 6.88 7.32 4.86
N ALA B 109 6.30 6.15 5.10
CA ALA B 109 5.50 5.45 4.10
C ALA B 109 4.43 6.37 3.52
N VAL B 110 3.71 7.07 4.38
CA VAL B 110 2.69 7.99 3.89
C VAL B 110 3.26 9.10 2.99
N LEU B 111 4.47 9.59 3.31
CA LEU B 111 5.10 10.62 2.51
C LEU B 111 5.47 10.13 1.10
N ILE B 112 6.18 9.01 1.04
CA ILE B 112 6.54 8.42 -0.23
C ILE B 112 5.30 8.16 -1.08
N ALA B 113 4.21 7.78 -0.42
CA ALA B 113 2.95 7.62 -1.14
C ALA B 113 2.53 8.95 -1.78
N ILE B 114 2.57 10.02 -0.98
CA ILE B 114 2.17 11.35 -1.45
C ILE B 114 3.06 11.92 -2.56
N ILE B 115 4.37 11.83 -2.33
CA ILE B 115 5.33 12.21 -3.34
C ILE B 115 5.04 11.47 -4.66
N ASP B 116 4.76 10.18 -4.60
CA ASP B 116 4.45 9.38 -5.78
C ASP B 116 3.26 9.95 -6.50
N ALA B 117 2.18 10.17 -5.78
CA ALA B 117 0.99 10.80 -6.37
C ALA B 117 1.33 12.18 -6.90
N VAL B 118 2.12 12.96 -6.18
CA VAL B 118 2.50 14.26 -6.74
C VAL B 118 3.30 14.07 -8.04
N ILE B 119 4.28 13.18 -8.02
CA ILE B 119 5.05 12.89 -9.23
C ILE B 119 4.20 12.36 -10.36
N THR B 120 3.36 11.36 -10.09
CA THR B 120 2.42 10.86 -11.09
C THR B 120 1.67 12.01 -11.74
N TRP B 121 0.98 12.78 -10.91
CA TRP B 121 0.16 13.86 -11.43
C TRP B 121 0.96 14.85 -12.26
N CYS B 122 2.14 15.20 -11.80
CA CYS B 122 2.95 16.13 -12.54
C CYS B 122 3.32 15.57 -13.89
N ILE B 123 4.00 14.42 -13.87
CA ILE B 123 4.44 13.74 -15.09
C ILE B 123 3.29 13.55 -16.07
N LEU B 124 2.16 13.04 -15.59
CA LEU B 124 1.01 12.89 -16.45
C LEU B 124 0.41 14.20 -16.95
N LEU B 125 0.34 15.24 -16.13
CA LEU B 125 -0.27 16.45 -16.64
C LEU B 125 0.66 17.25 -17.51
N TRP B 126 1.90 17.43 -17.07
CA TRP B 126 2.84 18.22 -17.85
C TRP B 126 3.12 17.56 -19.17
N SER B 127 3.22 16.23 -19.19
CA SER B 127 3.50 15.52 -20.43
C SER B 127 2.30 15.58 -21.36
N HIS B 128 1.17 15.13 -20.86
CA HIS B 128 -0.06 15.05 -21.62
C HIS B 128 -0.53 16.40 -22.15
N PHE B 129 -0.19 17.49 -21.46
CA PHE B 129 -0.68 18.84 -21.83
C PHE B 129 0.25 19.77 -22.64
N GLY B 130 1.38 19.25 -23.11
CA GLY B 130 2.47 20.03 -23.70
C GLY B 130 3.13 21.12 -22.86
N TYR C 25 11.79 -15.50 6.04
CA TYR C 25 10.63 -14.67 6.32
C TYR C 25 9.54 -14.67 5.23
N SER C 26 9.91 -14.33 3.99
CA SER C 26 8.94 -14.12 2.88
C SER C 26 7.91 -15.19 2.50
N TRP C 27 8.42 -16.36 2.12
CA TRP C 27 7.61 -17.47 1.63
C TRP C 27 6.71 -18.09 2.70
N LYS C 28 7.24 -18.16 3.92
CA LYS C 28 6.55 -18.69 5.08
C LYS C 28 5.24 -17.92 5.30
N GLY C 29 5.27 -16.60 5.08
CA GLY C 29 4.10 -15.76 5.26
C GLY C 29 2.95 -15.99 4.28
N LEU C 30 3.29 -16.21 3.01
CA LEU C 30 2.28 -16.47 1.97
C LEU C 30 1.53 -17.80 2.19
N ARG C 31 2.27 -18.88 2.47
CA ARG C 31 1.66 -20.18 2.78
C ARG C 31 0.73 -20.03 3.98
N ALA C 32 1.14 -19.17 4.91
CA ALA C 32 0.35 -18.85 6.09
C ALA C 32 -0.98 -18.17 5.73
N ALA C 33 -0.93 -17.17 4.87
CA ALA C 33 -2.15 -16.47 4.46
C ALA C 33 -3.13 -17.41 3.74
N TRP C 34 -2.59 -18.23 2.83
CA TRP C 34 -3.40 -19.15 2.01
C TRP C 34 -4.13 -20.21 2.84
N ILE C 35 -3.40 -20.84 3.75
CA ILE C 35 -3.98 -21.81 4.67
C ILE C 35 -5.04 -21.15 5.56
N ASN C 36 -4.69 -20.00 6.14
CA ASN C 36 -5.48 -19.37 7.20
C ASN C 36 -6.55 -18.36 6.75
N GLU C 37 -6.20 -17.52 5.77
CA GLU C 37 -7.11 -16.49 5.26
C GLU C 37 -7.88 -16.95 4.02
N ALA C 38 -9.21 -16.91 4.09
CA ALA C 38 -10.05 -17.27 2.97
C ALA C 38 -10.01 -16.19 1.90
N ALA C 39 -10.03 -14.94 2.37
CA ALA C 39 -9.98 -13.78 1.48
C ALA C 39 -8.70 -13.74 0.68
N PHE C 40 -7.60 -14.17 1.31
CA PHE C 40 -6.33 -14.22 0.62
C PHE C 40 -6.35 -15.28 -0.47
N ARG C 41 -6.95 -16.43 -0.18
CA ARG C 41 -7.13 -17.45 -1.19
C ARG C 41 -7.97 -16.90 -2.33
N GLN C 42 -8.99 -16.13 -1.97
CA GLN C 42 -9.91 -15.54 -2.95
C GLN C 42 -9.21 -14.50 -3.81
N GLU C 43 -8.39 -13.65 -3.20
CA GLU C 43 -7.63 -12.66 -3.95
C GLU C 43 -6.48 -13.28 -4.73
N GLY C 44 -5.82 -14.27 -4.12
CA GLY C 44 -4.75 -14.98 -4.80
C GLY C 44 -5.20 -15.61 -6.09
N VAL C 45 -6.39 -16.21 -6.06
CA VAL C 45 -7.06 -16.71 -7.24
C VAL C 45 -7.32 -15.56 -8.23
N ALA C 46 -7.87 -14.46 -7.72
CA ALA C 46 -8.17 -13.31 -8.54
C ALA C 46 -6.93 -12.79 -9.24
N VAL C 47 -5.78 -12.90 -8.57
CA VAL C 47 -4.52 -12.41 -9.13
C VAL C 47 -4.10 -13.16 -10.40
N LEU C 48 -4.13 -14.49 -10.37
CA LEU C 48 -3.79 -15.28 -11.54
C LEU C 48 -4.88 -15.14 -12.62
N LEU C 49 -6.13 -15.10 -12.17
CA LEU C 49 -7.26 -14.86 -13.05
C LEU C 49 -7.06 -13.57 -13.80
N ALA C 50 -6.78 -12.51 -13.03
CA ALA C 50 -6.56 -11.19 -13.62
C ALA C 50 -5.44 -11.27 -14.63
N VAL C 51 -4.35 -11.95 -14.27
CA VAL C 51 -3.22 -12.13 -15.17
C VAL C 51 -3.62 -12.82 -16.47
N VAL C 52 -4.34 -13.93 -16.33
CA VAL C 52 -4.78 -14.66 -17.49
C VAL C 52 -5.64 -13.77 -18.35
N ILE C 53 -6.68 -13.21 -17.74
CA ILE C 53 -7.57 -12.32 -18.45
C ILE C 53 -6.81 -11.14 -19.04
N ALA C 54 -5.82 -10.62 -18.30
CA ALA C 54 -5.05 -9.46 -18.77
C ALA C 54 -4.28 -9.75 -20.05
N CYS C 55 -3.77 -10.98 -20.14
CA CYS C 55 -2.95 -11.45 -21.27
C CYS C 55 -3.82 -11.91 -22.44
N TRP C 56 -5.06 -12.25 -22.13
CA TRP C 56 -6.01 -12.80 -23.08
C TRP C 56 -6.65 -11.68 -23.90
N LEU C 57 -6.70 -10.52 -23.29
CA LEU C 57 -7.25 -9.31 -23.87
C LEU C 57 -6.25 -8.65 -24.81
N ASP C 58 -6.72 -8.06 -25.90
CA ASP C 58 -5.81 -7.33 -26.76
C ASP C 58 -5.75 -5.86 -26.35
N VAL C 59 -4.87 -5.56 -25.40
CA VAL C 59 -4.71 -4.20 -24.90
C VAL C 59 -3.25 -3.76 -25.00
N ASP C 60 -2.94 -2.51 -24.68
CA ASP C 60 -1.55 -2.08 -24.60
C ASP C 60 -0.94 -2.45 -23.25
N ALA C 61 0.36 -2.23 -23.12
CA ALA C 61 1.05 -2.63 -21.90
C ALA C 61 0.59 -1.85 -20.67
N CYS C 62 0.47 -0.53 -20.80
CA CYS C 62 0.02 0.30 -19.70
C CYS C 62 -1.32 -0.21 -19.21
N THR C 63 -2.13 -0.67 -20.15
CA THR C 63 -3.41 -1.24 -19.79
C THR C 63 -3.24 -2.56 -19.08
N ARG C 64 -2.42 -3.43 -19.67
CA ARG C 64 -2.23 -4.76 -19.14
C ARG C 64 -1.63 -4.67 -17.75
N VAL C 65 -0.65 -3.78 -17.60
CA VAL C 65 0.03 -3.64 -16.33
C VAL C 65 -0.94 -3.24 -15.24
N LEU C 66 -1.73 -2.22 -15.51
CA LEU C 66 -2.74 -1.72 -14.57
C LEU C 66 -3.79 -2.73 -14.14
N LEU C 67 -4.16 -3.63 -15.05
CA LEU C 67 -5.14 -4.67 -14.74
C LEU C 67 -4.61 -5.64 -13.70
N ILE C 68 -3.35 -6.01 -13.85
CA ILE C 68 -2.72 -6.95 -12.95
C ILE C 68 -2.32 -6.30 -11.62
N SER C 69 -1.55 -5.23 -11.72
CA SER C 69 -0.96 -4.61 -10.54
C SER C 69 -2.03 -4.07 -9.57
N SER C 70 -3.19 -3.70 -10.09
CA SER C 70 -4.29 -3.27 -9.24
C SER C 70 -4.80 -4.42 -8.38
N VAL C 71 -4.93 -5.60 -8.98
CA VAL C 71 -5.40 -6.76 -8.23
C VAL C 71 -4.29 -7.21 -7.31
N MET C 72 -3.06 -7.11 -7.79
CA MET C 72 -1.93 -7.43 -6.96
C MET C 72 -1.85 -6.54 -5.71
N LEU C 73 -2.29 -5.29 -5.82
CA LEU C 73 -2.18 -4.37 -4.71
C LEU C 73 -3.09 -4.80 -3.57
N VAL C 74 -4.27 -5.29 -3.95
CA VAL C 74 -5.25 -5.82 -3.00
C VAL C 74 -4.58 -6.89 -2.19
N MET C 75 -3.86 -7.79 -2.87
N MET C 75 -3.85 -7.78 -2.86
CA MET C 75 -3.15 -8.86 -2.19
CA MET C 75 -3.16 -8.84 -2.15
C MET C 75 -2.03 -8.35 -1.26
C MET C 75 -2.08 -8.29 -1.21
N ILE C 76 -1.31 -7.33 -1.68
CA ILE C 76 -0.22 -6.74 -0.89
C ILE C 76 -0.74 -6.09 0.42
N VAL C 77 -1.83 -5.34 0.31
CA VAL C 77 -2.47 -4.71 1.46
C VAL C 77 -3.07 -5.72 2.42
N GLU C 78 -3.69 -6.76 1.85
CA GLU C 78 -4.30 -7.83 2.63
C GLU C 78 -3.27 -8.52 3.50
N LEU C 79 -2.06 -8.63 2.97
CA LEU C 79 -0.92 -9.19 3.70
C LEU C 79 -0.44 -8.36 4.89
N LEU C 80 -0.49 -7.03 4.72
CA LEU C 80 -0.14 -6.07 5.76
C LEU C 80 -1.20 -5.96 6.82
N ASN C 81 -2.45 -5.95 6.38
CA ASN C 81 -3.57 -6.06 7.31
C ASN C 81 -3.40 -7.32 8.17
N SER C 82 -2.98 -8.40 7.52
CA SER C 82 -2.75 -9.69 8.17
C SER C 82 -1.58 -9.71 9.15
N ALA C 83 -0.55 -8.95 8.85
CA ALA C 83 0.59 -8.86 9.75
C ALA C 83 0.11 -8.12 10.99
N ILE C 84 -0.52 -6.97 10.77
CA ILE C 84 -1.05 -6.15 11.85
C ILE C 84 -1.99 -6.89 12.77
N GLU C 85 -2.97 -7.59 12.20
CA GLU C 85 -3.90 -8.38 13.00
C GLU C 85 -3.14 -9.38 13.84
N ALA C 86 -2.05 -9.90 13.30
CA ALA C 86 -1.24 -10.87 14.03
C ALA C 86 -0.51 -10.26 15.21
N VAL C 87 -0.15 -8.98 15.13
CA VAL C 87 0.54 -8.30 16.23
C VAL C 87 -0.45 -7.96 17.34
N VAL C 88 -1.63 -7.53 16.92
CA VAL C 88 -2.73 -7.30 17.82
C VAL C 88 -2.96 -8.53 18.67
N ASP C 89 -2.92 -9.69 18.03
CA ASP C 89 -3.12 -10.98 18.68
C ASP C 89 -2.00 -11.45 19.59
N ARG C 90 -0.76 -11.12 19.23
CA ARG C 90 0.42 -11.50 20.01
C ARG C 90 0.39 -10.82 21.38
N ILE C 91 -0.03 -9.57 21.40
CA ILE C 91 -0.39 -8.93 22.65
C ILE C 91 -1.67 -9.64 23.05
N GLY C 92 -1.89 -9.87 24.35
CA GLY C 92 -3.08 -10.59 24.75
C GLY C 92 -4.25 -9.74 24.28
N SER C 93 -5.20 -10.38 23.62
CA SER C 93 -6.30 -9.61 23.02
C SER C 93 -7.12 -8.92 24.10
N GLU C 94 -7.43 -9.66 25.16
CA GLU C 94 -8.17 -9.09 26.28
C GLU C 94 -9.41 -8.41 25.72
N TYR C 95 -9.67 -7.19 26.17
CA TYR C 95 -10.56 -6.26 25.50
C TYR C 95 -9.84 -4.91 25.45
N HIS C 96 -9.79 -4.27 24.29
CA HIS C 96 -9.24 -2.91 24.24
C HIS C 96 -9.70 -2.27 22.93
N GLU C 97 -9.89 -0.95 22.93
CA GLU C 97 -10.46 -0.27 21.78
C GLU C 97 -9.40 0.20 20.79
N LEU C 98 -8.14 -0.07 21.13
CA LEU C 98 -7.01 0.32 20.29
C LEU C 98 -6.56 -0.91 19.50
N SER C 99 -6.97 -2.08 19.98
CA SER C 99 -6.74 -3.36 19.31
C SER C 99 -7.73 -3.48 18.15
N GLY C 100 -9.00 -3.21 18.45
CA GLY C 100 -10.07 -3.29 17.47
C GLY C 100 -9.91 -2.22 16.43
N ARG C 101 -9.50 -1.03 16.87
CA ARG C 101 -9.33 0.10 15.96
C ARG C 101 -8.27 -0.26 14.94
N ALA C 102 -7.21 -0.91 15.39
CA ALA C 102 -6.13 -1.29 14.51
C ALA C 102 -6.60 -2.27 13.45
N LYS C 103 -7.30 -3.31 13.89
CA LYS C 103 -7.77 -4.37 13.01
C LYS C 103 -8.77 -3.85 12.01
N ASP C 104 -9.62 -2.94 12.48
CA ASP C 104 -10.62 -2.28 11.64
C ASP C 104 -10.00 -1.34 10.58
N LEU C 105 -9.10 -0.46 11.01
CA LEU C 105 -8.37 0.44 10.10
C LEU C 105 -7.62 -0.34 9.07
N GLY C 106 -6.89 -1.36 9.51
CA GLY C 106 -6.20 -2.26 8.59
C GLY C 106 -7.20 -2.93 7.67
N SER C 107 -8.37 -3.23 8.22
CA SER C 107 -9.43 -3.83 7.45
C SER C 107 -9.95 -2.84 6.43
N ALA C 108 -10.01 -1.56 6.81
CA ALA C 108 -10.43 -0.52 5.88
C ALA C 108 -9.42 -0.34 4.74
N ALA C 109 -8.13 -0.33 5.09
CA ALA C 109 -7.11 -0.16 4.06
C ALA C 109 -7.31 -1.16 2.91
N VAL C 110 -7.57 -2.44 3.26
CA VAL C 110 -7.82 -3.48 2.24
C VAL C 110 -9.03 -3.15 1.38
N LEU C 111 -10.04 -2.55 2.01
CA LEU C 111 -11.23 -2.16 1.27
C LEU C 111 -10.96 -1.10 0.17
N ILE C 112 -10.24 -0.06 0.54
CA ILE C 112 -9.89 0.98 -0.42
C ILE C 112 -9.08 0.33 -1.55
N ALA C 113 -8.23 -0.62 -1.19
CA ALA C 113 -7.49 -1.38 -2.20
C ALA C 113 -8.45 -2.14 -3.14
N ILE C 114 -9.44 -2.81 -2.56
CA ILE C 114 -10.42 -3.55 -3.34
C ILE C 114 -11.28 -2.59 -4.15
N ILE C 115 -11.78 -1.53 -3.50
CA ILE C 115 -12.51 -0.49 -4.22
C ILE C 115 -11.69 0.04 -5.40
N ASP C 116 -10.42 0.34 -5.13
CA ASP C 116 -9.53 0.85 -6.17
C ASP C 116 -9.41 -0.08 -7.36
N ALA C 117 -9.09 -1.33 -7.07
CA ALA C 117 -8.95 -2.34 -8.08
C ALA C 117 -10.25 -2.48 -8.87
N VAL C 118 -11.38 -2.43 -8.18
CA VAL C 118 -12.69 -2.50 -8.83
C VAL C 118 -12.95 -1.33 -9.79
N ILE C 119 -12.67 -0.11 -9.34
CA ILE C 119 -12.80 1.06 -10.19
C ILE C 119 -11.91 0.90 -11.40
N THR C 120 -10.65 0.57 -11.16
CA THR C 120 -9.66 0.37 -12.21
C THR C 120 -10.20 -0.49 -13.35
N TRP C 121 -10.63 -1.70 -13.03
CA TRP C 121 -11.14 -2.63 -14.02
C TRP C 121 -12.32 -2.05 -14.79
N CYS C 122 -13.16 -1.29 -14.10
CA CYS C 122 -14.29 -0.64 -14.75
C CYS C 122 -13.85 0.37 -15.80
N ILE C 123 -13.10 1.36 -15.37
CA ILE C 123 -12.61 2.43 -16.23
C ILE C 123 -11.92 1.90 -17.49
N LEU C 124 -11.05 0.92 -17.32
CA LEU C 124 -10.32 0.32 -18.44
C LEU C 124 -11.23 -0.43 -19.45
N LEU C 125 -12.18 -1.19 -18.94
CA LEU C 125 -13.12 -1.97 -19.75
C LEU C 125 -14.33 -1.19 -20.33
N TRP C 126 -14.91 -0.26 -19.57
CA TRP C 126 -16.02 0.56 -20.07
C TRP C 126 -15.48 1.28 -21.29
N SER C 127 -14.20 1.64 -21.20
CA SER C 127 -13.44 2.27 -22.27
C SER C 127 -13.24 1.26 -23.38
N HIS C 128 -12.81 0.07 -23.00
CA HIS C 128 -12.48 -0.99 -23.95
C HIS C 128 -13.69 -1.32 -24.82
N PHE C 129 -14.90 -1.07 -24.31
CA PHE C 129 -16.09 -1.28 -25.13
C PHE C 129 -16.68 0.06 -25.57
C18 OLC D . 10.95 12.77 -13.05
C10 OLC D . 11.11 9.87 -3.97
C9 OLC D . 11.68 9.66 -2.78
C17 OLC D . 10.85 13.35 -11.66
C11 OLC D . 11.74 9.75 -5.35
C8 OLC D . 13.11 9.27 -2.50
C24 OLC D . 22.98 9.55 5.92
C16 OLC D . 11.63 12.60 -10.60
C12 OLC D . 12.20 11.07 -5.97
C7 OLC D . 13.34 8.85 -1.03
C15 OLC D . 11.50 13.19 -9.19
C13 OLC D . 11.87 11.24 -7.47
C6 OLC D . 14.82 8.69 -0.60
C14 OLC D . 12.38 12.56 -8.09
C5 OLC D . 15.04 8.37 0.89
C4 OLC D . 16.29 8.98 1.52
C3 OLC D . 16.28 8.93 3.06
C2 OLC D . 17.27 9.86 3.77
C21 OLC D . 20.91 9.80 4.53
C1 OLC D . 18.69 9.33 3.80
C22 OLC D . 21.48 9.76 5.92
O19 OLC D . 19.07 8.38 3.19
O25 OLC D . 23.53 9.73 7.22
O23 OLC D . 21.16 10.95 6.65
O20 OLC D . 19.48 10.07 4.59
C18 OLC E . 18.58 -2.24 -21.55
C10 OLC E . 17.24 -2.76 -14.43
C9 OLC E . 16.45 -2.37 -13.43
C17 OLC E . 17.17 -2.77 -21.35
C11 OLC E . 18.06 -1.88 -15.34
C8 OLC E . 16.15 -0.97 -12.92
C24 OLC E . 14.86 -5.16 -3.68
C16 OLC E . 16.19 -1.72 -20.82
C12 OLC E . 17.66 -2.20 -16.76
C7 OLC E . 15.33 -0.92 -11.64
C15 OLC E . 16.32 -1.43 -19.34
C13 OLC E . 16.16 -2.37 -16.97
C6 OLC E . 13.89 -1.34 -11.75
C14 OLC E . 15.80 -2.55 -18.42
C5 OLC E . 13.66 -2.82 -11.80
C4 OLC E . 12.26 -3.23 -11.46
C3 OLC E . 12.13 -3.93 -10.13
C2 OLC E . 12.78 -3.15 -8.99
C21 OLC E . 13.36 -4.45 -5.58
C1 OLC E . 12.44 -3.75 -7.65
C22 OLC E . 14.41 -4.02 -4.58
O19 OLC E . 11.39 -4.26 -7.40
O25 OLC E . 15.82 -4.74 -2.71
O23 OLC E . 15.53 -3.44 -5.25
O20 OLC E . 13.45 -3.66 -6.79
C1 MPD F . -11.61 -10.38 15.87
C2 MPD F . -12.39 -9.30 15.12
O2 MPD F . -13.78 -9.73 15.06
CM MPD F . -11.85 -9.15 13.69
C3 MPD F . -12.30 -7.97 15.87
C4 MPD F . -13.40 -6.99 15.48
O4 MPD F . -14.39 -6.92 16.49
C5 MPD F . -12.85 -5.59 15.22
C18 OLC G . -5.67 18.40 -8.41
C10 OLC G . -0.20 18.83 -3.09
C9 OLC G . 0.94 18.64 -2.41
C17 OLC G . -5.76 17.73 -7.04
C11 OLC G . -1.58 18.88 -2.53
C8 OLC G . 1.07 18.47 -0.93
C24 OLC G . 0.63 11.71 7.66
C16 OLC G . -6.65 18.45 -6.02
C12 OLC G . -2.56 19.44 -3.53
C7 OLC G . 2.27 17.68 -0.41
C15 OLC G . -6.09 18.50 -4.60
C13 OLC G . -3.96 18.97 -3.35
C6 OLC G . 2.38 17.76 1.12
C14 OLC G . -4.86 19.35 -4.48
C5 OLC G . 3.32 16.74 1.77
C4 OLC G . 3.42 16.93 3.29
C3 OLC G . 4.10 15.80 4.07
C2 OLC G . 3.20 14.58 4.34
C21 OLC G . 3.03 12.08 7.07
C1 OLC G . 3.63 13.77 5.54
C22 OLC G . 1.97 12.21 8.13
O19 OLC G . 4.71 13.87 6.07
O25 OLC G . -0.20 11.37 8.76
O23 OLC G . 2.37 11.46 9.29
O20 OLC G . 2.67 12.93 5.95
C18 OLC H . 2.30 20.81 -14.46
C10 OLC H . -2.09 16.59 -7.17
C9 OLC H . -2.28 15.78 -6.15
C17 OLC H . 2.40 20.86 -12.94
C11 OLC H . -0.76 17.14 -7.64
C8 OLC H . -1.21 15.30 -5.26
C24 OLC H . -2.35 20.42 3.66
C16 OLC H . 1.33 20.01 -12.19
C12 OLC H . -0.61 18.66 -7.54
C7 OLC H . -1.71 15.04 -3.86
C15 OLC H . 1.38 20.10 -10.64
C13 OLC H . 0.55 19.25 -8.33
C6 OLC H . -2.89 14.07 -3.82
C14 OLC H . 0.45 19.12 -9.87
C5 OLC H . -2.96 13.18 -2.59
C4 OLC H . -3.24 13.89 -1.28
C3 OLC H . -2.03 14.41 -0.58
C2 OLC H . -2.37 15.03 0.76
C21 OLC H . -1.91 18.45 2.15
C1 OLC H . -1.93 16.46 0.82
C22 OLC H . -2.48 18.93 3.48
O19 OLC H . -1.35 17.02 -0.08
O25 OLC H . -2.80 20.88 4.94
O23 OLC H . -3.86 18.52 3.59
O20 OLC H . -2.25 17.05 1.98
N NO3 I . -10.99 -9.41 9.16
O1 NO3 I . -10.28 -9.16 10.35
O2 NO3 I . -12.14 -8.66 8.85
O3 NO3 I . -10.54 -10.39 8.27
NA NA J . -8.24 -10.47 8.54
C18 OLC K . -10.28 -10.65 -11.60
C10 OLC K . -9.55 -8.48 -6.16
C9 OLC K . -10.10 -9.42 -5.45
C17 OLC K . -10.44 -9.16 -11.70
C11 OLC K . -9.95 -7.04 -6.18
C8 OLC K . -11.26 -9.25 -4.53
C24 OLC K . -14.15 -13.77 2.39
C16 OLC K . -11.16 -8.53 -10.50
C12 OLC K . -10.32 -6.54 -7.56
C7 OLC K . -11.40 -10.43 -3.61
C15 OLC K . -11.18 -7.00 -10.50
C13 OLC K . -11.69 -6.93 -8.03
C6 OLC K . -12.57 -10.34 -2.71
C14 OLC K . -12.04 -6.41 -9.40
C5 OLC K . -12.57 -11.39 -1.63
C4 OLC K . -13.73 -11.26 -0.68
C3 OLC K . -13.82 -9.90 -0.01
C2 OLC K . -12.56 -9.49 0.73
C21 OLC K . -13.38 -11.69 3.61
C1 OLC K . -12.40 -10.13 2.08
C22 OLC K . -14.43 -12.79 3.50
O19 OLC K . -11.48 -9.92 2.83
O25 OLC K . -15.27 -14.61 2.13
O23 OLC K . -14.57 -13.47 4.75
O20 OLC K . -13.42 -10.96 2.36
C18 OLC L . -16.78 4.39 -12.26
C10 OLC L . -17.03 -1.70 -5.07
C9 OLC L . -16.74 -2.87 -4.50
C17 OLC L . -17.07 3.01 -11.69
C11 OLC L . -18.38 -1.09 -5.29
C8 OLC L . -17.71 -3.86 -3.93
C24 OLC L . -9.92 -8.84 5.26
C16 OLC L . -17.57 3.03 -10.24
C12 OLC L . -18.32 0.31 -5.91
C7 OLC L . -17.63 -4.06 -2.40
C15 OLC L . -17.56 1.66 -9.55
C13 OLC L . -17.82 0.34 -7.35
C6 OLC L . -16.50 -4.98 -1.87
C14 OLC L . -17.92 1.70 -8.06
C5 OLC L . -16.52 -5.13 -0.33
C4 OLC L . -15.43 -6.04 0.27
C3 OLC L . -15.31 -5.91 1.81
C2 OLC L . -14.36 -6.94 2.47
C21 OLC L . -11.10 -6.86 4.23
C1 OLC L . -13.11 -6.34 3.07
C22 OLC L . -10.95 -7.75 5.44
O19 OLC L . -12.83 -5.19 3.06
O25 OLC L . -8.62 -8.35 5.60
O23 OLC L . -10.64 -6.96 6.59
O20 OLC L . -12.34 -7.29 3.62
#